data_2GMQ
#
_entry.id   2GMQ
#
_cell.length_a   83.122
_cell.length_b   83.400
_cell.length_c   83.917
_cell.angle_alpha   90.00
_cell.angle_beta   90.00
_cell.angle_gamma   90.00
#
_symmetry.space_group_name_H-M   'I 21 21 21'
#
loop_
_entity.id
_entity.type
_entity.pdbx_description
1 polymer 'Hypothetical protein EF0006'
2 water water
#
_entity_poly.entity_id   1
_entity_poly.type   'polypeptide(L)'
_entity_poly.pdbx_seq_one_letter_code
;(MSE)EAVVVEREAKG(MSE)KEIAIQEKDLTLQWRGNTGKLVKVRLKNTRA(MSE)E(MSE)WYNKQITEENIQEITTL
NIIKNGKSLALEVYPEKSIYVKPNLGRINVPVFFIKTPINRGVFEEIFGETLKA
;
_entity_poly.pdbx_strand_id   A,B
#
# COMPACT_ATOMS: atom_id res chain seq x y z
N GLY A 12 -13.79 19.32 -25.66
CA GLY A 12 -14.21 17.92 -25.40
C GLY A 12 -13.21 17.17 -24.53
N MSE A 13 -13.30 15.84 -24.58
CA MSE A 13 -12.44 14.92 -23.80
C MSE A 13 -10.90 15.03 -24.14
O MSE A 13 -10.49 15.24 -25.26
CB MSE A 13 -12.99 13.46 -23.94
CG MSE A 13 -14.47 13.24 -23.36
SE MSE A 13 -15.96 12.06 -24.28
CE MSE A 13 -16.09 13.01 -26.03
N LYS A 14 -10.06 14.94 -23.11
CA LYS A 14 -8.61 14.74 -23.29
C LYS A 14 -8.17 13.82 -22.15
N GLU A 15 -7.47 12.74 -22.48
CA GLU A 15 -7.20 11.62 -21.58
C GLU A 15 -5.67 11.47 -21.51
N ILE A 16 -5.18 11.32 -20.32
CA ILE A 16 -3.75 11.05 -20.20
C ILE A 16 -3.59 9.85 -19.28
N ALA A 17 -2.70 8.90 -19.67
CA ALA A 17 -2.45 7.74 -18.84
C ALA A 17 -1.27 8.11 -17.90
N ILE A 18 -1.40 7.77 -16.63
CA ILE A 18 -0.24 7.87 -15.73
C ILE A 18 -0.12 6.61 -14.92
N GLN A 19 1.07 6.02 -14.88
CA GLN A 19 1.32 4.84 -14.05
C GLN A 19 1.10 5.16 -12.58
N GLU A 20 0.32 4.30 -11.95
CA GLU A 20 -0.03 4.50 -10.55
C GLU A 20 1.20 4.79 -9.66
N LYS A 21 2.38 4.19 -9.92
CA LYS A 21 3.54 4.36 -9.05
C LYS A 21 4.06 5.78 -9.03
N ASP A 22 3.60 6.56 -10.02
CA ASP A 22 3.98 8.00 -10.08
C ASP A 22 3.00 8.95 -9.38
N LEU A 23 2.00 8.39 -8.66
CA LEU A 23 0.97 9.15 -8.03
C LEU A 23 0.95 8.95 -6.52
N THR A 24 0.72 10.06 -5.80
CA THR A 24 0.38 9.99 -4.40
C THR A 24 -1.13 10.11 -4.36
N LEU A 25 -1.78 9.07 -3.86
CA LEU A 25 -3.28 9.04 -3.84
CA LEU A 25 -3.28 9.00 -3.82
C LEU A 25 -3.82 9.41 -2.47
N GLN A 26 -4.84 10.29 -2.44
CA GLN A 26 -5.38 10.74 -1.18
C GLN A 26 -6.79 10.09 -1.09
N TRP A 27 -6.95 9.19 -0.14
CA TRP A 27 -8.27 8.52 0.07
C TRP A 27 -8.91 9.12 1.27
N ARG A 28 -10.18 9.49 1.14
CA ARG A 28 -10.89 10.07 2.28
CA ARG A 28 -10.92 10.05 2.26
C ARG A 28 -10.91 9.05 3.43
N GLY A 29 -10.41 9.49 4.60
CA GLY A 29 -10.29 8.52 5.69
C GLY A 29 -9.36 7.34 5.45
N ASN A 30 -8.44 7.46 4.49
CA ASN A 30 -7.48 6.42 4.06
C ASN A 30 -8.15 5.25 3.41
N THR A 31 -9.45 5.03 3.60
CA THR A 31 -10.07 3.82 3.04
C THR A 31 -11.27 4.13 2.14
N GLY A 32 -11.66 5.40 2.06
CA GLY A 32 -12.95 5.75 1.42
C GLY A 32 -12.72 6.10 -0.03
N LYS A 33 -13.40 7.16 -0.43
CA LYS A 33 -13.39 7.68 -1.80
C LYS A 33 -11.99 8.26 -2.18
N LEU A 34 -11.58 8.08 -3.44
CA LEU A 34 -10.38 8.70 -3.93
C LEU A 34 -10.68 10.22 -4.22
N VAL A 35 -9.97 11.11 -3.54
CA VAL A 35 -10.36 12.53 -3.58
C VAL A 35 -9.43 13.20 -4.61
N LYS A 36 -8.14 12.91 -4.49
CA LYS A 36 -7.20 13.56 -5.39
C LYS A 36 -5.90 12.74 -5.53
N VAL A 37 -5.16 13.00 -6.63
CA VAL A 37 -3.89 12.32 -6.86
C VAL A 37 -2.90 13.47 -7.16
N ARG A 38 -1.67 13.32 -6.69
CA ARG A 38 -0.67 14.29 -6.94
C ARG A 38 0.50 13.60 -7.56
N LEU A 39 1.11 14.19 -8.61
CA LEU A 39 2.28 13.55 -9.19
C LEU A 39 3.46 13.60 -8.24
N LYS A 40 4.21 12.50 -8.24
CA LYS A 40 5.44 12.45 -7.48
CA LYS A 40 5.44 12.44 -7.48
C LYS A 40 6.48 13.43 -8.02
N ASN A 41 7.45 13.79 -7.18
CA ASN A 41 8.39 14.83 -7.57
C ASN A 41 9.24 14.46 -8.80
N THR A 42 9.74 13.23 -8.85
CA THR A 42 10.65 12.84 -9.98
C THR A 42 9.90 12.87 -11.32
N ARG A 43 8.74 12.27 -11.32
CA ARG A 43 7.88 12.25 -12.53
C ARG A 43 7.51 13.72 -12.88
N ALA A 44 7.21 14.56 -11.89
CA ALA A 44 6.81 15.95 -12.23
C ALA A 44 7.97 16.68 -12.94
N MSE A 45 9.21 16.43 -12.48
CA MSE A 45 10.36 17.03 -13.13
CA MSE A 45 10.44 16.97 -13.09
C MSE A 45 10.51 16.52 -14.54
O MSE A 45 10.69 17.30 -15.45
CB MSE A 45 11.63 16.81 -12.32
CB MSE A 45 11.68 16.47 -12.34
CG MSE A 45 12.81 17.58 -12.91
CG MSE A 45 13.07 16.93 -12.96
SE MSE A 45 12.68 19.56 -12.73
SE MSE A 45 14.62 16.88 -11.69
CE MSE A 45 13.33 19.68 -10.87
CE MSE A 45 16.14 16.63 -12.81
N GLU A 46 10.40 15.22 -14.74
CA GLU A 46 10.37 14.69 -16.09
C GLU A 46 9.30 15.37 -16.95
N MSE A 47 8.04 15.53 -16.46
CA MSE A 47 6.95 16.07 -17.24
C MSE A 47 7.28 17.55 -17.51
O MSE A 47 6.94 18.04 -18.62
CB MSE A 47 5.64 15.95 -16.48
CG MSE A 47 5.30 14.50 -16.32
SE MSE A 47 3.53 14.54 -15.43
CE MSE A 47 2.85 12.75 -16.06
N TRP A 48 7.98 18.22 -16.57
CA TRP A 48 8.38 19.57 -16.80
CA TRP A 48 8.42 19.61 -16.80
C TRP A 48 9.35 19.71 -18.01
N TYR A 49 10.35 18.84 -18.09
CA TYR A 49 11.31 18.91 -19.18
C TYR A 49 10.59 18.60 -20.50
N ASN A 50 9.64 17.65 -20.48
CA ASN A 50 8.95 17.21 -21.67
C ASN A 50 7.74 18.07 -22.03
N LYS A 51 7.30 18.92 -21.10
CA LYS A 51 6.04 19.65 -21.27
C LYS A 51 4.85 18.70 -21.47
N GLN A 52 4.90 17.55 -20.80
CA GLN A 52 3.88 16.52 -20.98
C GLN A 52 2.59 17.04 -20.36
N ILE A 53 2.70 17.60 -19.16
CA ILE A 53 1.64 18.35 -18.53
C ILE A 53 2.27 19.65 -18.11
N THR A 54 1.54 20.72 -18.34
CA THR A 54 2.04 22.07 -18.06
C THR A 54 0.97 22.90 -17.42
N GLU A 55 1.36 24.04 -16.83
CA GLU A 55 0.39 24.95 -16.28
C GLU A 55 -0.63 25.37 -17.33
N GLU A 56 -0.18 25.58 -18.59
CA GLU A 56 -1.11 26.04 -19.63
CA GLU A 56 -1.04 26.00 -19.71
C GLU A 56 -2.07 24.93 -20.10
N ASN A 57 -1.66 23.67 -20.07
CA ASN A 57 -2.51 22.64 -20.63
C ASN A 57 -3.23 21.74 -19.60
N ILE A 58 -2.92 21.91 -18.32
CA ILE A 58 -3.37 20.85 -17.35
C ILE A 58 -4.89 20.76 -17.34
N GLN A 59 -5.56 21.90 -17.52
CA GLN A 59 -7.01 21.92 -17.39
C GLN A 59 -7.74 21.38 -18.63
N GLU A 60 -7.00 20.97 -19.66
CA GLU A 60 -7.56 20.27 -20.83
CA GLU A 60 -7.65 20.32 -20.79
C GLU A 60 -7.88 18.79 -20.53
N ILE A 61 -7.19 18.23 -19.55
CA ILE A 61 -7.33 16.83 -19.21
C ILE A 61 -8.69 16.60 -18.51
N THR A 62 -9.49 15.70 -19.04
CA THR A 62 -10.77 15.32 -18.46
C THR A 62 -10.75 13.93 -17.78
N THR A 63 -9.77 13.09 -18.14
CA THR A 63 -9.68 11.71 -17.72
C THR A 63 -8.23 11.29 -17.50
N LEU A 64 -8.00 10.66 -16.35
CA LEU A 64 -6.69 10.02 -16.09
CA LEU A 64 -6.71 10.04 -16.01
C LEU A 64 -6.90 8.53 -16.23
N ASN A 65 -6.04 7.90 -17.04
CA ASN A 65 -6.05 6.43 -17.18
C ASN A 65 -4.92 5.86 -16.28
N ILE A 66 -5.29 5.34 -15.11
CA ILE A 66 -4.31 4.86 -14.15
C ILE A 66 -3.82 3.49 -14.54
N ILE A 67 -2.50 3.36 -14.66
CA ILE A 67 -1.89 2.12 -15.15
C ILE A 67 -1.11 1.40 -14.05
N LYS A 68 -1.27 0.07 -13.90
CA LYS A 68 -0.52 -0.67 -12.89
C LYS A 68 -0.74 -2.14 -13.05
N ASN A 69 0.33 -2.93 -12.89
CA ASN A 69 0.20 -4.40 -12.84
C ASN A 69 -0.50 -4.89 -14.08
N GLY A 70 -0.18 -4.25 -15.21
CA GLY A 70 -0.73 -4.60 -16.50
C GLY A 70 -2.20 -4.34 -16.68
N LYS A 71 -2.77 -3.54 -15.78
CA LYS A 71 -4.19 -3.21 -15.78
C LYS A 71 -4.36 -1.69 -15.97
N SER A 72 -5.57 -1.25 -16.30
CA SER A 72 -5.85 0.15 -16.53
CA SER A 72 -5.86 0.14 -16.57
C SER A 72 -7.24 0.56 -15.99
N LEU A 73 -7.35 1.76 -15.44
CA LEU A 73 -8.66 2.24 -14.86
C LEU A 73 -8.78 3.69 -15.26
N ALA A 74 -9.77 3.99 -16.11
CA ALA A 74 -10.01 5.43 -16.44
C ALA A 74 -10.88 6.11 -15.41
N LEU A 75 -10.47 7.32 -14.99
CA LEU A 75 -11.20 8.09 -13.95
C LEU A 75 -11.35 9.49 -14.46
N GLU A 76 -12.59 10.01 -14.46
CA GLU A 76 -12.77 11.41 -14.84
CA GLU A 76 -12.81 11.42 -14.82
C GLU A 76 -12.30 12.28 -13.68
N VAL A 77 -11.75 13.43 -14.03
CA VAL A 77 -11.34 14.48 -13.10
C VAL A 77 -12.28 15.68 -13.24
N TYR A 78 -12.18 16.64 -12.31
CA TYR A 78 -12.85 17.89 -12.38
C TYR A 78 -11.83 18.84 -13.01
N PRO A 79 -11.91 19.06 -14.35
CA PRO A 79 -10.80 19.82 -14.97
C PRO A 79 -10.58 21.19 -14.35
N GLU A 80 -11.62 21.81 -13.82
CA GLU A 80 -11.48 23.19 -13.33
C GLU A 80 -10.82 23.27 -11.94
N LYS A 81 -10.60 22.10 -11.34
CA LYS A 81 -9.91 21.97 -10.06
C LYS A 81 -8.42 21.57 -10.20
N SER A 82 -8.02 21.13 -11.40
CA SER A 82 -6.61 20.72 -11.62
C SER A 82 -5.69 21.90 -11.36
N ILE A 83 -4.68 21.70 -10.51
CA ILE A 83 -3.77 22.80 -10.06
C ILE A 83 -2.33 22.31 -9.83
N TYR A 84 -1.37 23.23 -9.89
CA TYR A 84 0.02 22.96 -9.47
C TYR A 84 0.18 23.35 -7.98
N VAL A 85 0.89 22.54 -7.21
CA VAL A 85 1.12 22.82 -5.78
C VAL A 85 2.63 22.78 -5.49
N LYS A 86 3.08 23.43 -4.41
CA LYS A 86 4.50 23.40 -4.01
C LYS A 86 4.94 22.00 -3.48
N PRO A 87 6.11 21.49 -3.96
CA PRO A 87 6.59 20.11 -3.73
C PRO A 87 7.00 19.74 -2.26
N ARG A 91 11.99 21.91 -5.23
CA ARG A 91 12.42 22.54 -6.48
C ARG A 91 11.29 22.87 -7.46
N ILE A 92 10.51 21.85 -7.85
CA ILE A 92 9.51 22.00 -8.91
C ILE A 92 8.08 21.80 -8.36
N ASN A 93 7.13 22.69 -8.74
CA ASN A 93 5.69 22.45 -8.41
C ASN A 93 5.18 21.28 -9.18
N VAL A 94 4.16 20.65 -8.62
CA VAL A 94 3.71 19.38 -9.15
C VAL A 94 2.19 19.44 -9.42
N PRO A 95 1.71 18.76 -10.50
CA PRO A 95 0.28 18.73 -10.86
C PRO A 95 -0.54 17.91 -9.86
N VAL A 96 -1.79 18.34 -9.59
CA VAL A 96 -2.72 17.63 -8.74
C VAL A 96 -4.04 17.58 -9.51
N PHE A 97 -4.70 16.43 -9.43
CA PHE A 97 -6.04 16.29 -10.09
C PHE A 97 -7.04 15.87 -9.05
N PHE A 98 -8.24 16.41 -9.18
CA PHE A 98 -9.30 16.04 -8.23
C PHE A 98 -10.19 15.07 -8.95
N ILE A 99 -10.40 13.94 -8.30
CA ILE A 99 -11.08 12.84 -8.98
C ILE A 99 -12.60 13.02 -8.93
N LYS A 100 -13.24 12.93 -10.11
CA LYS A 100 -14.71 13.00 -10.23
C LYS A 100 -15.39 11.61 -10.22
N THR A 101 -14.87 10.70 -11.01
CA THR A 101 -15.45 9.30 -10.96
C THR A 101 -15.35 8.75 -9.54
N PRO A 102 -16.50 8.38 -8.91
CA PRO A 102 -16.38 7.79 -7.56
C PRO A 102 -15.70 6.43 -7.57
N ILE A 103 -14.66 6.31 -6.76
CA ILE A 103 -14.01 5.02 -6.59
C ILE A 103 -13.47 4.91 -5.19
N ASN A 104 -13.64 3.74 -4.56
CA ASN A 104 -13.17 3.59 -3.18
C ASN A 104 -11.92 2.73 -3.08
N ARG A 105 -11.25 2.73 -1.91
CA ARG A 105 -9.90 2.16 -1.83
C ARG A 105 -10.02 0.63 -2.08
N GLY A 106 -11.11 -0.01 -1.58
CA GLY A 106 -11.29 -1.50 -1.64
C GLY A 106 -11.32 -1.96 -3.10
N VAL A 107 -12.15 -1.30 -3.88
CA VAL A 107 -12.32 -1.70 -5.25
C VAL A 107 -11.05 -1.39 -6.06
N PHE A 108 -10.45 -0.22 -5.75
CA PHE A 108 -9.17 0.14 -6.41
C PHE A 108 -8.05 -0.94 -6.17
N GLU A 109 -7.89 -1.36 -4.92
CA GLU A 109 -6.93 -2.42 -4.49
CA GLU A 109 -6.88 -2.37 -4.60
C GLU A 109 -7.34 -3.74 -5.16
N GLU A 110 -8.64 -3.98 -5.24
CA GLU A 110 -9.17 -5.23 -5.91
C GLU A 110 -8.66 -5.21 -7.37
N ILE A 111 -8.90 -4.13 -8.12
CA ILE A 111 -8.44 -4.01 -9.52
C ILE A 111 -6.98 -4.28 -9.69
N PHE A 112 -6.17 -3.51 -8.95
CA PHE A 112 -4.78 -3.48 -9.23
C PHE A 112 -4.02 -4.56 -8.50
N GLY A 113 -4.54 -5.01 -7.35
CA GLY A 113 -3.87 -6.05 -6.53
C GLY A 113 -2.49 -5.61 -6.06
N MSE B 13 4.01 -14.82 27.30
CA MSE B 13 4.24 -13.74 26.31
C MSE B 13 5.64 -13.86 25.66
O MSE B 13 6.65 -14.03 26.35
CB MSE B 13 4.03 -12.34 26.95
N LYS B 14 5.66 -13.81 24.34
CA LYS B 14 6.91 -13.68 23.56
C LYS B 14 6.61 -12.77 22.37
N GLU B 15 7.43 -11.75 22.20
CA GLU B 15 7.14 -10.69 21.25
C GLU B 15 8.28 -10.73 20.25
N ILE B 16 7.93 -10.60 19.00
CA ILE B 16 8.97 -10.42 17.97
C ILE B 16 8.62 -9.19 17.14
N ALA B 17 9.63 -8.31 16.87
CA ALA B 17 9.40 -7.14 16.03
C ALA B 17 9.67 -7.58 14.57
N ILE B 18 8.83 -7.14 13.63
CA ILE B 18 9.13 -7.41 12.24
C ILE B 18 8.80 -6.12 11.47
N GLN B 19 9.73 -5.62 10.66
CA GLN B 19 9.42 -4.43 9.86
C GLN B 19 8.29 -4.70 8.88
N GLU B 20 7.40 -3.75 8.78
CA GLU B 20 6.20 -3.89 7.92
C GLU B 20 6.59 -4.29 6.49
N LYS B 21 7.71 -3.78 5.94
CA LYS B 21 8.10 -3.97 4.55
CA LYS B 21 8.01 -3.99 4.53
C LYS B 21 8.35 -5.44 4.27
N ASP B 22 8.53 -6.22 5.34
CA ASP B 22 8.71 -7.71 5.18
C ASP B 22 7.45 -8.56 5.29
N LEU B 23 6.28 -7.91 5.36
CA LEU B 23 5.02 -8.61 5.58
C LEU B 23 4.03 -8.29 4.42
N THR B 24 3.27 -9.30 4.04
CA THR B 24 2.17 -9.16 3.10
C THR B 24 0.95 -9.22 4.00
N LEU B 25 0.22 -8.10 4.05
CA LEU B 25 -0.93 -7.94 4.95
CA LEU B 25 -0.93 -7.99 4.97
C LEU B 25 -2.24 -8.26 4.25
N GLN B 26 -3.07 -9.06 4.91
CA GLN B 26 -4.37 -9.39 4.36
C GLN B 26 -5.41 -8.64 5.19
N TRP B 27 -6.04 -7.66 4.55
CA TRP B 27 -7.14 -6.88 5.14
C TRP B 27 -8.46 -7.36 4.63
N ARG B 28 -9.37 -7.65 5.55
CA ARG B 28 -10.68 -8.13 5.15
CA ARG B 28 -10.71 -8.14 5.17
C ARG B 28 -11.39 -7.11 4.26
N GLY B 29 -11.76 -7.51 3.06
CA GLY B 29 -12.34 -6.49 2.16
C GLY B 29 -11.35 -5.44 1.61
N ASN B 30 -10.05 -5.66 1.81
CA ASN B 30 -8.90 -4.75 1.49
C ASN B 30 -8.90 -3.53 2.36
N THR B 31 -10.01 -3.21 3.01
CA THR B 31 -10.06 -2.00 3.86
C THR B 31 -10.47 -2.25 5.32
N GLY B 32 -10.83 -3.48 5.65
CA GLY B 32 -11.36 -3.70 6.98
C GLY B 32 -10.29 -4.17 7.95
N LYS B 33 -10.70 -5.14 8.77
CA LYS B 33 -9.85 -5.71 9.81
C LYS B 33 -8.56 -6.39 9.27
N LEU B 34 -7.44 -6.26 9.98
CA LEU B 34 -6.24 -7.05 9.59
C LEU B 34 -6.42 -8.51 10.00
N VAL B 35 -6.52 -9.40 9.03
CA VAL B 35 -6.81 -10.79 9.35
C VAL B 35 -5.53 -11.60 9.59
N LYS B 36 -4.55 -11.44 8.71
CA LYS B 36 -3.30 -12.19 8.84
CA LYS B 36 -3.30 -12.20 8.83
C LYS B 36 -2.15 -11.49 8.17
N VAL B 37 -0.94 -11.93 8.53
CA VAL B 37 0.29 -11.31 7.88
C VAL B 37 1.15 -12.50 7.53
N ARG B 38 1.78 -12.41 6.38
CA ARG B 38 2.56 -13.46 5.85
C ARG B 38 3.98 -12.89 5.61
N LEU B 39 5.02 -13.58 6.07
CA LEU B 39 6.37 -13.09 5.75
CA LEU B 39 6.38 -13.15 5.76
C LEU B 39 6.66 -13.22 4.27
N LYS B 40 7.27 -12.16 3.76
CA LYS B 40 7.83 -12.20 2.40
CA LYS B 40 7.77 -12.25 2.39
C LYS B 40 8.89 -13.30 2.21
N ASN B 41 9.03 -13.79 0.97
CA ASN B 41 9.89 -14.91 0.66
CA ASN B 41 9.90 -14.90 0.63
C ASN B 41 11.36 -14.65 1.05
N THR B 42 11.90 -13.52 0.63
CA THR B 42 13.33 -13.19 0.97
C THR B 42 13.61 -13.16 2.51
N ARG B 43 12.80 -12.41 3.24
CA ARG B 43 12.89 -12.36 4.74
C ARG B 43 12.69 -13.80 5.31
N ALA B 44 11.73 -14.53 4.79
CA ALA B 44 11.53 -15.94 5.23
C ALA B 44 12.81 -16.78 5.06
N MSE B 45 13.52 -16.58 3.93
CA MSE B 45 14.77 -17.29 3.65
CA MSE B 45 14.73 -17.35 3.71
C MSE B 45 15.77 -16.88 4.70
O MSE B 45 16.44 -17.68 5.31
CB MSE B 45 15.32 -16.87 2.28
CB MSE B 45 15.24 -17.19 2.30
CG MSE B 45 16.69 -17.52 1.91
CG MSE B 45 16.48 -18.05 2.04
SE MSE B 45 17.17 -17.40 -0.04
SE MSE B 45 16.13 -19.99 2.06
CE MSE B 45 19.08 -17.37 -0.01
CE MSE B 45 16.93 -20.53 3.75
N GLU B 46 15.89 -15.58 4.88
CA GLU B 46 16.84 -15.07 5.89
C GLU B 46 16.55 -15.70 7.29
N MSE B 47 15.28 -15.65 7.76
CA MSE B 47 14.87 -16.26 9.02
C MSE B 47 15.18 -17.76 9.11
O MSE B 47 15.57 -18.25 10.21
CB MSE B 47 13.35 -16.01 9.26
CG MSE B 47 13.14 -14.56 9.45
SE MSE B 47 11.21 -14.34 9.80
CE MSE B 47 11.30 -12.55 10.66
N TRP B 48 15.05 -18.49 7.99
CA TRP B 48 15.39 -19.90 7.94
CA TRP B 48 15.40 -19.92 7.95
C TRP B 48 16.88 -20.14 8.27
N TYR B 49 17.75 -19.36 7.64
CA TYR B 49 19.19 -19.45 7.89
C TYR B 49 19.48 -19.14 9.34
N ASN B 50 18.82 -18.11 9.88
CA ASN B 50 19.13 -17.65 11.24
C ASN B 50 18.41 -18.41 12.37
N LYS B 51 17.42 -19.20 11.98
CA LYS B 51 16.50 -19.83 12.92
C LYS B 51 15.75 -18.81 13.76
N GLN B 52 15.47 -17.63 13.19
CA GLN B 52 14.83 -16.55 13.94
C GLN B 52 13.39 -16.93 14.29
N ILE B 53 12.66 -17.46 13.32
CA ILE B 53 11.39 -18.14 13.55
C ILE B 53 11.51 -19.46 12.85
N THR B 54 11.03 -20.48 13.52
CA THR B 54 11.14 -21.85 13.05
C THR B 54 9.80 -22.54 13.26
N GLU B 55 9.55 -23.63 12.53
CA GLU B 55 8.36 -24.44 12.71
CA GLU B 55 8.33 -24.40 12.75
C GLU B 55 8.24 -24.85 14.19
N GLU B 56 9.38 -25.14 14.83
CA GLU B 56 9.31 -25.55 16.24
CA GLU B 56 9.44 -25.54 16.23
C GLU B 56 9.06 -24.42 17.25
N ASN B 57 9.43 -23.17 16.93
CA ASN B 57 9.25 -22.06 17.87
C ASN B 57 8.11 -21.04 17.49
N ILE B 58 7.45 -21.26 16.35
CA ILE B 58 6.55 -20.20 15.83
C ILE B 58 5.37 -19.94 16.80
N GLN B 59 4.84 -21.02 17.37
CA GLN B 59 3.66 -20.88 18.23
C GLN B 59 3.98 -20.32 19.63
N GLU B 60 5.25 -20.11 19.95
CA GLU B 60 5.63 -19.33 21.14
C GLU B 60 5.37 -17.82 21.08
N ILE B 61 5.27 -17.29 19.86
CA ILE B 61 5.11 -15.84 19.67
C ILE B 61 3.63 -15.48 20.00
N THR B 62 3.41 -14.50 20.88
CA THR B 62 2.07 -14.01 21.22
C THR B 62 1.85 -12.57 20.69
N THR B 63 2.93 -11.89 20.29
CA THR B 63 2.82 -10.48 19.86
C THR B 63 3.79 -10.22 18.75
N LEU B 64 3.27 -9.53 17.73
CA LEU B 64 4.15 -8.97 16.66
CA LEU B 64 4.12 -9.00 16.66
C LEU B 64 4.22 -7.50 16.85
N ASN B 65 5.47 -6.98 16.87
CA ASN B 65 5.69 -5.53 16.96
C ASN B 65 6.06 -5.06 15.56
N ILE B 66 5.09 -4.45 14.87
CA ILE B 66 5.25 -4.03 13.46
CA ILE B 66 5.31 -4.03 13.47
C ILE B 66 5.98 -2.68 13.43
N ILE B 67 7.06 -2.64 12.64
CA ILE B 67 7.94 -1.49 12.60
C ILE B 67 7.92 -0.82 11.24
N LYS B 68 7.84 0.51 11.22
CA LYS B 68 7.82 1.19 9.88
C LYS B 68 7.86 2.66 10.11
N ASN B 69 8.56 3.41 9.25
CA ASN B 69 8.56 4.88 9.35
C ASN B 69 8.91 5.38 10.74
N GLY B 70 9.85 4.71 11.39
CA GLY B 70 10.28 5.01 12.77
C GLY B 70 9.24 4.83 13.86
N LYS B 71 8.14 4.13 13.54
CA LYS B 71 7.04 3.92 14.47
C LYS B 71 6.90 2.41 14.70
N SER B 72 6.16 2.04 15.76
CA SER B 72 6.02 0.66 16.17
CA SER B 72 6.03 0.67 16.22
C SER B 72 4.58 0.43 16.67
N LEU B 73 4.01 -0.75 16.35
CA LEU B 73 2.62 -1.08 16.76
C LEU B 73 2.65 -2.55 17.15
N ALA B 74 2.42 -2.81 18.45
CA ALA B 74 2.31 -4.22 18.91
C ALA B 74 0.91 -4.80 18.66
N LEU B 75 0.84 -6.01 18.11
CA LEU B 75 -0.44 -6.63 17.77
C LEU B 75 -0.37 -8.02 18.35
N GLU B 76 -1.37 -8.39 19.13
CA GLU B 76 -1.42 -9.78 19.59
CA GLU B 76 -1.45 -9.79 19.58
C GLU B 76 -1.82 -10.65 18.40
N VAL B 77 -1.31 -11.88 18.38
CA VAL B 77 -1.69 -12.92 17.46
C VAL B 77 -2.44 -14.06 18.17
N TYR B 78 -3.05 -14.95 17.38
CA TYR B 78 -3.59 -16.19 17.94
C TYR B 78 -2.48 -17.22 17.79
N PRO B 79 -1.73 -17.52 18.88
CA PRO B 79 -0.56 -18.42 18.71
C PRO B 79 -0.87 -19.81 18.16
N GLU B 80 -2.05 -20.34 18.44
CA GLU B 80 -2.47 -21.71 18.02
CA GLU B 80 -2.31 -21.72 18.00
C GLU B 80 -2.70 -21.77 16.52
N LYS B 81 -2.83 -20.60 15.91
CA LYS B 81 -3.13 -20.49 14.48
C LYS B 81 -1.88 -20.24 13.62
N SER B 82 -0.78 -19.87 14.27
CA SER B 82 0.45 -19.56 13.49
C SER B 82 0.91 -20.80 12.75
N ILE B 83 1.21 -20.65 11.45
CA ILE B 83 1.58 -21.81 10.58
C ILE B 83 2.55 -21.44 9.44
N TYR B 84 3.27 -22.44 8.92
CA TYR B 84 4.01 -22.26 7.68
C TYR B 84 3.13 -22.65 6.46
N VAL B 85 3.21 -21.84 5.40
CA VAL B 85 2.51 -22.07 4.15
CA VAL B 85 2.52 -22.08 4.15
C VAL B 85 3.54 -22.17 3.02
N LYS B 86 3.27 -22.99 2.01
CA LYS B 86 4.17 -23.05 0.85
C LYS B 86 3.92 -21.83 -0.07
N PRO B 87 4.93 -21.42 -0.82
CA PRO B 87 6.33 -21.23 -0.51
C PRO B 87 6.55 -19.72 -0.65
N GLY B 90 8.50 -19.41 -4.86
CA GLY B 90 9.40 -19.49 -3.70
C GLY B 90 10.15 -20.82 -3.71
N ARG B 91 10.95 -21.07 -2.68
CA ARG B 91 11.62 -22.38 -2.52
C ARG B 91 11.21 -23.05 -1.19
N ILE B 92 11.17 -22.25 -0.12
CA ILE B 92 10.81 -22.74 1.22
C ILE B 92 9.52 -22.07 1.77
N ASN B 93 8.92 -22.73 2.75
CA ASN B 93 7.69 -22.29 3.34
C ASN B 93 7.87 -21.01 4.16
N VAL B 94 6.79 -20.26 4.30
CA VAL B 94 6.85 -18.97 4.97
C VAL B 94 5.91 -18.94 6.16
N PRO B 95 6.33 -18.28 7.29
CA PRO B 95 5.45 -18.13 8.45
C PRO B 95 4.26 -17.18 8.21
N VAL B 96 3.10 -17.54 8.80
CA VAL B 96 1.89 -16.76 8.73
C VAL B 96 1.36 -16.62 10.13
N PHE B 97 0.93 -15.40 10.47
CA PHE B 97 0.35 -15.11 11.82
C PHE B 97 -1.04 -14.63 11.61
N PHE B 98 -1.92 -15.06 12.49
CA PHE B 98 -3.31 -14.62 12.47
C PHE B 98 -3.45 -13.57 13.56
N ILE B 99 -3.95 -12.41 13.16
CA ILE B 99 -3.94 -11.27 14.10
C ILE B 99 -5.16 -11.27 15.00
N LYS B 100 -4.90 -11.12 16.30
CA LYS B 100 -5.95 -11.13 17.32
C LYS B 100 -6.40 -9.70 17.70
N THR B 101 -5.42 -8.82 17.91
CA THR B 101 -5.78 -7.42 18.21
C THR B 101 -6.55 -6.82 17.01
N PRO B 102 -7.78 -6.31 17.25
CA PRO B 102 -8.47 -5.70 16.16
C PRO B 102 -7.83 -4.39 15.68
N ILE B 103 -7.57 -4.30 14.40
CA ILE B 103 -7.06 -3.05 13.84
C ILE B 103 -7.48 -3.05 12.40
N ASN B 104 -7.99 -1.91 11.94
CA ASN B 104 -8.49 -1.75 10.59
C ASN B 104 -7.53 -0.94 9.74
N ARG B 105 -7.70 -1.04 8.43
CA ARG B 105 -6.71 -0.50 7.49
C ARG B 105 -6.52 1.00 7.70
N GLY B 106 -7.62 1.75 7.99
CA GLY B 106 -7.52 3.24 8.05
C GLY B 106 -6.58 3.67 9.16
N VAL B 107 -6.79 3.11 10.35
CA VAL B 107 -5.96 3.53 11.49
CA VAL B 107 -5.97 3.52 11.48
C VAL B 107 -4.53 3.03 11.29
N PHE B 108 -4.40 1.84 10.74
CA PHE B 108 -3.04 1.32 10.44
C PHE B 108 -2.27 2.31 9.53
N GLU B 109 -2.93 2.76 8.45
CA GLU B 109 -2.36 3.75 7.49
CA GLU B 109 -2.26 3.69 7.53
C GLU B 109 -2.06 5.05 8.22
N GLU B 110 -2.98 5.47 9.11
CA GLU B 110 -2.81 6.73 9.88
C GLU B 110 -1.49 6.59 10.68
N ILE B 111 -1.35 5.53 11.47
CA ILE B 111 -0.10 5.27 12.28
C ILE B 111 1.17 5.35 11.45
N PHE B 112 1.19 4.58 10.35
CA PHE B 112 2.41 4.42 9.62
C PHE B 112 2.63 5.50 8.59
N GLY B 113 1.54 6.11 8.09
CA GLY B 113 1.64 7.28 7.19
C GLY B 113 2.29 6.85 5.90
#